data_4PZG
#
_entry.id   4PZG
#
_cell.length_a   205.859
_cell.length_b   205.859
_cell.length_c   42.330
_cell.angle_alpha   90.000
_cell.angle_beta   90.000
_cell.angle_gamma   120.000
#
_symmetry.space_group_name_H-M   'P 32 2 1'
#
loop_
_entity.id
_entity.type
_entity.pdbx_description
1 polymer 'Sorting nexin-10'
2 non-polymer 'NITRATE ION'
3 non-polymer 3,6,9,12,15,18,21,24-OCTAOXAHEXACOSAN-1-OL
4 water water
#
_entity_poly.entity_id   1
_entity_poly.type   'polypeptide(L)'
_entity_poly.pdbx_seq_one_letter_code
;MFPEQQKEEFVSVWVRDPRIQKEDFWHSYIDYEICIHTNSMCFTMKTSCVRRRYREFVWLRQRLQSNALLVQLPELPSKN
LFFNMNNRQHVDQRRQGLEDFLRKVLQNALLLSDSSLHLFLQSHLNSEDIEACVSGQTKYSVEEAIHKFALMNRRFPEED
EEGKKENDIDYDSESSSSGLGHSSDDSSSHGCKVNTAPQESLEHHHHHH
;
_entity_poly.pdbx_strand_id   A,B
#
# COMPACT_ATOMS: atom_id res chain seq x y z
N GLU A 8 1.43 -18.48 3.71
CA GLU A 8 2.61 -18.54 4.62
C GLU A 8 3.55 -17.35 4.40
N GLU A 9 4.11 -16.80 5.48
CA GLU A 9 4.80 -15.50 5.50
C GLU A 9 5.94 -15.39 4.50
N PHE A 10 5.98 -14.32 3.72
CA PHE A 10 7.08 -14.09 2.80
C PHE A 10 7.45 -12.63 2.83
N VAL A 11 8.68 -12.34 2.45
CA VAL A 11 9.16 -10.99 2.23
C VAL A 11 10.09 -10.93 1.02
N SER A 12 9.86 -10.01 0.11
CA SER A 12 10.63 -9.93 -1.15
C SER A 12 11.08 -8.51 -1.35
N VAL A 13 12.27 -8.36 -1.89
CA VAL A 13 12.87 -7.08 -2.00
C VAL A 13 13.58 -6.99 -3.31
N TRP A 14 13.44 -5.85 -4.00
CA TRP A 14 14.16 -5.63 -5.24
C TRP A 14 14.80 -4.30 -5.10
N VAL A 15 15.98 -4.20 -5.65
CA VAL A 15 16.62 -2.96 -5.80
C VAL A 15 16.71 -2.82 -7.30
N ARG A 16 16.31 -1.68 -7.82
CA ARG A 16 16.28 -1.49 -9.28
C ARG A 16 16.37 0.00 -9.63
N ASP A 17 16.37 0.27 -10.93
CA ASP A 17 16.19 1.62 -11.50
C ASP A 17 17.22 2.63 -11.03
N PRO A 18 18.47 2.39 -11.35
CA PRO A 18 19.50 3.34 -10.96
C PRO A 18 19.24 4.63 -11.64
N ARG A 19 19.46 5.73 -10.94
CA ARG A 19 19.29 7.07 -11.51
C ARG A 19 20.22 8.07 -10.92
N ILE A 20 20.78 8.91 -11.78
CA ILE A 20 21.60 10.02 -11.31
C ILE A 20 20.78 11.10 -10.60
N GLN A 21 21.40 11.83 -9.70
CA GLN A 21 20.71 12.86 -8.95
C GLN A 21 21.58 14.07 -8.72
N LYS A 22 20.97 15.24 -8.62
CA LYS A 22 21.69 16.50 -8.65
C LYS A 22 22.71 16.51 -9.79
N GLU A 23 22.24 16.10 -10.95
CA GLU A 23 23.12 15.95 -12.12
C GLU A 23 23.72 17.22 -12.62
N ASP A 24 23.05 18.32 -12.37
CA ASP A 24 23.52 19.58 -12.92
C ASP A 24 24.08 20.42 -11.84
N PHE A 25 24.52 19.75 -10.77
CA PHE A 25 25.24 20.35 -9.67
C PHE A 25 26.64 19.76 -9.59
N TRP A 26 27.42 20.28 -8.68
CA TRP A 26 28.62 19.57 -8.21
C TRP A 26 28.00 18.65 -7.21
N HIS A 27 28.49 17.44 -7.08
CA HIS A 27 28.02 16.59 -6.00
C HIS A 27 26.86 15.75 -6.38
N SER A 28 26.72 15.49 -7.66
CA SER A 28 25.83 14.47 -8.12
C SER A 28 26.09 13.16 -7.38
N TYR A 29 25.07 12.33 -7.39
CA TYR A 29 25.14 10.98 -6.87
C TYR A 29 24.10 10.08 -7.45
N ILE A 30 24.29 8.77 -7.34
CA ILE A 30 23.36 7.78 -7.93
C ILE A 30 22.52 7.19 -6.79
N ASP A 31 21.24 6.99 -7.04
CA ASP A 31 20.42 6.30 -6.06
C ASP A 31 19.60 5.23 -6.75
N TYR A 32 18.92 4.42 -5.92
CA TYR A 32 18.21 3.28 -6.43
C TYR A 32 16.85 3.22 -5.81
N GLU A 33 15.98 2.47 -6.48
CA GLU A 33 14.66 2.23 -5.93
C GLU A 33 14.65 0.90 -5.18
N ILE A 34 14.06 0.91 -4.00
CA ILE A 34 13.97 -0.28 -3.19
C ILE A 34 12.54 -0.60 -2.93
N CYS A 35 12.14 -1.77 -3.39
CA CYS A 35 10.76 -2.13 -3.42
C CYS A 35 10.59 -3.33 -2.53
N ILE A 36 9.67 -3.22 -1.59
CA ILE A 36 9.33 -4.34 -0.71
C ILE A 36 7.97 -4.87 -1.02
N HIS A 37 7.83 -6.19 -1.01
CA HIS A 37 6.52 -6.81 -1.04
C HIS A 37 6.48 -7.89 0.00
N THR A 38 5.58 -7.78 0.96
CA THR A 38 5.51 -8.78 1.96
C THR A 38 4.08 -9.00 2.36
N ASN A 39 3.79 -10.16 2.95
CA ASN A 39 2.54 -10.32 3.68
C ASN A 39 2.77 -10.47 5.16
N SER A 40 3.91 -10.05 5.67
CA SER A 40 4.27 -10.35 7.03
C SER A 40 3.69 -9.33 7.99
N MET A 41 3.42 -9.78 9.20
CA MET A 41 2.94 -8.91 10.25
C MET A 41 4.03 -7.93 10.63
N CYS A 42 5.27 -8.26 10.32
CA CYS A 42 6.44 -7.48 10.76
C CYS A 42 6.43 -6.07 10.21
N PHE A 43 5.99 -5.92 8.97
CA PHE A 43 5.97 -4.63 8.31
C PHE A 43 4.67 -3.90 8.52
N THR A 44 4.72 -2.56 8.54
CA THR A 44 3.52 -1.74 8.52
C THR A 44 2.80 -1.80 7.15
N MET A 45 3.52 -1.54 6.07
CA MET A 45 2.97 -1.56 4.74
C MET A 45 3.37 -2.84 4.06
N LYS A 46 2.50 -3.40 3.25
CA LYS A 46 2.76 -4.65 2.59
C LYS A 46 3.49 -4.41 1.32
N THR A 47 3.40 -3.20 0.80
CA THR A 47 4.26 -2.84 -0.29
C THR A 47 4.85 -1.47 -0.03
N SER A 48 6.03 -1.23 -0.62
CA SER A 48 6.71 0.06 -0.51
C SER A 48 7.75 0.18 -1.60
N CYS A 49 7.88 1.38 -2.17
CA CYS A 49 9.04 1.75 -3.02
C CYS A 49 9.57 3.07 -2.45
N VAL A 50 10.88 3.12 -2.28
CA VAL A 50 11.56 4.24 -1.70
C VAL A 50 12.90 4.34 -2.40
N ARG A 51 13.50 5.52 -2.43
CA ARG A 51 14.80 5.65 -3.17
C ARG A 51 15.89 5.94 -2.16
N ARG A 52 17.02 5.22 -2.28
CA ARG A 52 18.13 5.40 -1.31
C ARG A 52 19.43 5.21 -2.03
N ARG A 53 20.47 5.76 -1.42
CA ARG A 53 21.79 5.72 -2.01
C ARG A 53 22.73 5.02 -1.08
N TYR A 54 23.88 4.67 -1.66
CA TYR A 54 24.84 3.83 -1.00
C TYR A 54 25.20 4.36 0.35
N ARG A 55 25.47 5.63 0.46
CA ARG A 55 25.89 6.18 1.73
C ARG A 55 24.82 5.93 2.78
N GLU A 56 23.55 5.88 2.39
CA GLU A 56 22.45 5.63 3.38
C GLU A 56 22.43 4.16 3.82
N PHE A 57 22.70 3.25 2.88
CA PHE A 57 22.94 1.86 3.21
C PHE A 57 24.07 1.65 4.23
N VAL A 58 25.16 2.40 4.02
CA VAL A 58 26.27 2.37 4.96
C VAL A 58 25.79 2.81 6.37
N TRP A 59 25.14 3.94 6.46
CA TRP A 59 24.58 4.38 7.68
C TRP A 59 23.72 3.30 8.31
N LEU A 60 22.96 2.60 7.45
CA LEU A 60 21.96 1.66 7.93
C LEU A 60 22.69 0.50 8.55
N ARG A 61 23.71 0.02 7.81
CA ARG A 61 24.44 -1.09 8.26
C ARG A 61 25.05 -0.84 9.62
N GLN A 62 25.55 0.36 9.84
CA GLN A 62 26.30 0.59 11.05
C GLN A 62 25.33 0.85 12.15
N ARG A 63 24.16 1.38 11.81
CA ARG A 63 23.19 1.64 12.85
C ARG A 63 22.75 0.29 13.36
N LEU A 64 22.44 -0.62 12.44
CA LEU A 64 21.98 -1.94 12.83
C LEU A 64 23.06 -2.64 13.67
N GLN A 65 24.32 -2.48 13.27
CA GLN A 65 25.45 -3.19 13.93
C GLN A 65 25.55 -2.71 15.34
N SER A 66 25.33 -1.44 15.57
CA SER A 66 25.44 -0.97 16.91
C SER A 66 24.28 -1.30 17.80
N ASN A 67 23.16 -1.79 17.30
CA ASN A 67 22.11 -2.17 18.25
C ASN A 67 22.11 -3.66 18.46
N ALA A 68 22.90 -4.34 17.63
CA ALA A 68 23.01 -5.78 17.67
C ALA A 68 24.50 -6.15 17.65
N LEU A 69 25.17 -6.03 18.79
CA LEU A 69 26.64 -6.13 18.74
C LEU A 69 27.05 -7.52 18.17
N LEU A 70 26.25 -8.54 18.43
CA LEU A 70 26.69 -9.90 18.12
C LEU A 70 26.29 -10.41 16.77
N VAL A 71 25.66 -9.57 15.97
CA VAL A 71 25.08 -10.05 14.75
C VAL A 71 26.05 -9.78 13.63
N GLN A 72 26.12 -10.70 12.68
CA GLN A 72 27.00 -10.58 11.57
C GLN A 72 26.27 -10.03 10.40
N LEU A 73 26.46 -8.73 10.16
CA LEU A 73 25.78 -8.07 9.06
C LEU A 73 26.38 -8.48 7.72
N PRO A 74 25.58 -8.51 6.70
CA PRO A 74 26.12 -8.98 5.42
C PRO A 74 26.93 -7.92 4.73
N GLU A 75 27.71 -8.29 3.75
CA GLU A 75 28.57 -7.32 3.05
C GLU A 75 27.77 -6.30 2.27
N LEU A 76 28.28 -5.06 2.16
CA LEU A 76 27.89 -4.10 1.09
C LEU A 76 28.80 -4.25 -0.08
N PRO A 77 28.35 -3.90 -1.27
CA PRO A 77 29.20 -3.88 -2.46
C PRO A 77 30.26 -2.75 -2.42
N SER A 78 31.04 -2.62 -3.48
CA SER A 78 32.24 -1.78 -3.33
C SER A 78 31.90 -0.33 -3.07
N LYS A 79 32.83 0.30 -2.37
CA LYS A 79 32.72 1.68 -1.95
C LYS A 79 32.69 2.67 -3.12
N ASN A 80 32.22 3.87 -2.85
CA ASN A 80 32.10 4.89 -3.90
C ASN A 80 33.43 5.14 -4.54
N LEU A 81 34.48 5.17 -3.73
CA LEU A 81 35.83 5.42 -4.26
C LEU A 81 36.14 4.56 -5.44
N PHE A 82 35.52 3.38 -5.52
CA PHE A 82 35.78 2.44 -6.60
C PHE A 82 34.64 2.23 -7.57
N PHE A 83 33.72 3.17 -7.51
CA PHE A 83 32.55 3.24 -8.32
C PHE A 83 32.50 4.38 -9.38
N ASN A 84 32.17 3.98 -10.59
CA ASN A 84 32.09 4.83 -11.74
C ASN A 84 30.78 4.58 -12.48
N MET A 85 29.86 5.55 -12.41
CA MET A 85 28.58 5.36 -13.08
C MET A 85 28.67 5.13 -14.60
N ASN A 86 29.80 5.30 -15.25
CA ASN A 86 29.82 5.08 -16.69
C ASN A 86 30.20 3.67 -16.99
N ASN A 87 30.46 2.90 -15.95
CA ASN A 87 30.80 1.52 -16.15
C ASN A 87 29.53 0.79 -15.81
N ARG A 88 28.82 0.26 -16.80
CA ARG A 88 27.56 -0.49 -16.55
C ARG A 88 27.77 -1.59 -15.50
N GLN A 89 28.86 -2.32 -15.66
CA GLN A 89 29.06 -3.41 -14.78
C GLN A 89 29.14 -2.92 -13.32
N HIS A 90 29.66 -1.73 -13.11
CA HIS A 90 29.67 -1.17 -11.77
C HIS A 90 28.30 -0.95 -11.23
N VAL A 91 27.44 -0.36 -12.06
CA VAL A 91 26.16 0.07 -11.54
C VAL A 91 25.33 -1.16 -11.27
N ASP A 92 25.53 -2.19 -12.08
CA ASP A 92 24.77 -3.38 -11.91
C ASP A 92 25.25 -4.17 -10.71
N GLN A 93 26.54 -4.30 -10.57
CA GLN A 93 27.09 -4.98 -9.42
C GLN A 93 26.62 -4.34 -8.14
N ARG A 94 26.58 -3.01 -8.12
CA ARG A 94 26.12 -2.30 -6.96
C ARG A 94 24.68 -2.63 -6.68
N ARG A 95 23.84 -2.68 -7.72
CA ARG A 95 22.46 -2.94 -7.43
C ARG A 95 22.29 -4.34 -6.90
N GLN A 96 22.95 -5.31 -7.54
CA GLN A 96 22.88 -6.67 -7.05
C GLN A 96 23.30 -6.74 -5.57
N GLY A 97 24.42 -6.15 -5.26
CA GLY A 97 24.95 -6.19 -3.93
C GLY A 97 24.03 -5.59 -2.94
N LEU A 98 23.39 -4.50 -3.31
CA LEU A 98 22.47 -3.87 -2.37
C LEU A 98 21.18 -4.72 -2.16
N GLU A 99 20.78 -5.47 -3.19
CA GLU A 99 19.70 -6.43 -3.05
C GLU A 99 20.11 -7.55 -2.12
N ASP A 100 21.27 -8.14 -2.36
CA ASP A 100 21.77 -9.24 -1.50
C ASP A 100 21.85 -8.79 -0.06
N PHE A 101 22.37 -7.59 0.14
CA PHE A 101 22.49 -7.09 1.44
C PHE A 101 21.14 -7.11 2.13
N LEU A 102 20.12 -6.56 1.45
CA LEU A 102 18.81 -6.43 2.15
C LEU A 102 18.12 -7.76 2.30
N ARG A 103 18.24 -8.61 1.30
CA ARG A 103 17.69 -9.93 1.41
C ARG A 103 18.16 -10.64 2.66
N LYS A 104 19.47 -10.64 2.87
CA LYS A 104 20.06 -11.26 4.04
C LYS A 104 19.60 -10.57 5.29
N VAL A 105 19.66 -9.27 5.30
CA VAL A 105 19.28 -8.56 6.49
C VAL A 105 17.88 -8.98 6.89
N LEU A 106 17.01 -9.09 5.91
CA LEU A 106 15.58 -9.28 6.19
C LEU A 106 15.28 -10.70 6.65
N GLN A 107 16.19 -11.64 6.38
CA GLN A 107 16.09 -12.96 6.94
C GLN A 107 16.38 -13.05 8.42
N ASN A 108 16.60 -11.95 9.11
CA ASN A 108 16.99 -12.00 10.49
C ASN A 108 16.04 -11.26 11.38
N ALA A 109 15.38 -12.00 12.23
CA ALA A 109 14.31 -11.41 13.01
C ALA A 109 14.73 -10.34 13.96
N LEU A 110 15.94 -10.43 14.50
CA LEU A 110 16.35 -9.43 15.46
C LEU A 110 16.48 -8.11 14.69
N LEU A 111 17.09 -8.15 13.51
CA LEU A 111 17.20 -6.93 12.70
C LEU A 111 15.81 -6.42 12.28
N LEU A 112 14.93 -7.34 11.85
CA LEU A 112 13.54 -6.98 11.49
C LEU A 112 12.83 -6.19 12.56
N SER A 113 13.39 -6.23 13.76
CA SER A 113 12.78 -5.62 14.88
C SER A 113 13.32 -4.22 15.16
N ASP A 114 14.15 -3.71 14.25
CA ASP A 114 14.79 -2.39 14.41
C ASP A 114 13.94 -1.38 13.60
N SER A 115 13.33 -0.43 14.30
CA SER A 115 12.61 0.62 13.56
C SER A 115 13.42 1.37 12.52
N SER A 116 14.73 1.37 12.66
CA SER A 116 15.58 2.06 11.71
C SER A 116 15.43 1.45 10.35
N LEU A 117 15.40 0.14 10.33
CA LEU A 117 15.31 -0.57 9.07
C LEU A 117 13.97 -0.26 8.41
N HIS A 118 12.93 -0.18 9.24
CA HIS A 118 11.61 0.03 8.71
C HIS A 118 11.48 1.38 8.08
N LEU A 119 11.87 2.41 8.83
CA LEU A 119 11.89 3.78 8.30
C LEU A 119 12.82 3.92 7.11
N PHE A 120 13.90 3.16 7.09
CA PHE A 120 14.76 3.23 5.95
C PHE A 120 14.01 2.71 4.72
N LEU A 121 13.15 1.71 4.92
CA LEU A 121 12.53 1.01 3.78
C LEU A 121 11.18 1.58 3.40
N GLN A 122 10.49 2.16 4.38
CA GLN A 122 9.12 2.56 4.22
C GLN A 122 8.89 3.98 4.67
N SER A 123 9.88 4.84 4.47
CA SER A 123 9.71 6.25 4.64
C SER A 123 10.71 7.07 3.89
N HIS A 124 10.34 8.33 3.72
CA HIS A 124 11.13 9.38 3.05
C HIS A 124 12.24 9.92 3.99
N LEU A 125 12.09 9.77 5.32
CA LEU A 125 13.00 10.33 6.34
C LEU A 125 14.45 10.06 6.08
N ASN A 126 15.32 11.05 6.25
CA ASN A 126 16.73 10.78 6.11
C ASN A 126 17.28 10.30 7.46
N SER A 127 18.57 9.93 7.45
CA SER A 127 19.18 9.25 8.62
C SER A 127 19.14 10.06 9.91
N GLU A 128 19.37 11.35 9.80
CA GLU A 128 19.22 12.25 10.93
C GLU A 128 17.87 12.03 11.56
N ASP A 129 16.81 12.16 10.74
CA ASP A 129 15.46 12.11 11.31
C ASP A 129 15.09 10.73 11.79
N ILE A 130 15.58 9.71 11.11
CA ILE A 130 15.33 8.36 11.58
C ILE A 130 15.82 8.20 13.01
N GLU A 131 17.08 8.57 13.21
CA GLU A 131 17.72 8.58 14.54
C GLU A 131 16.90 9.42 15.51
N ALA A 132 16.48 10.60 15.10
CA ALA A 132 15.67 11.38 15.98
C ALA A 132 14.44 10.57 16.39
N CYS A 133 13.84 9.90 15.42
CA CYS A 133 12.51 9.35 15.56
C CYS A 133 12.52 8.14 16.44
N VAL A 134 13.44 7.22 16.19
CA VAL A 134 13.51 6.02 17.01
C VAL A 134 14.04 6.30 18.43
N SER A 135 14.67 7.46 18.62
CA SER A 135 15.21 7.88 19.91
C SER A 135 14.21 8.67 20.71
N GLY A 136 12.99 8.81 20.20
CA GLY A 136 11.93 9.43 20.96
C GLY A 136 11.82 10.94 20.86
N GLN A 137 12.59 11.57 19.98
CA GLN A 137 12.70 13.02 20.00
C GLN A 137 11.92 13.81 18.96
N THR A 138 11.04 13.14 18.23
CA THR A 138 10.28 13.80 17.19
C THR A 138 8.88 13.86 17.71
N LYS A 139 8.08 14.75 17.11
CA LYS A 139 6.65 14.83 17.45
C LYS A 139 5.93 13.58 16.94
N TYR A 140 6.35 13.08 15.77
CA TYR A 140 5.68 11.97 15.12
C TYR A 140 6.22 10.63 15.54
N SER A 141 5.38 9.60 15.58
CA SER A 141 5.90 8.24 15.78
C SER A 141 6.39 7.61 14.48
N VAL A 142 6.96 6.44 14.63
CA VAL A 142 7.45 5.65 13.52
C VAL A 142 6.28 5.29 12.61
N GLU A 143 5.16 4.86 13.20
CA GLU A 143 3.99 4.47 12.43
C GLU A 143 3.50 5.70 11.70
N GLU A 144 3.45 6.83 12.38
CA GLU A 144 3.02 8.04 11.70
C GLU A 144 3.85 8.37 10.48
N ALA A 145 5.15 8.18 10.56
CA ALA A 145 6.00 8.59 9.47
C ALA A 145 5.79 7.71 8.26
N ILE A 146 5.55 6.44 8.55
CA ILE A 146 5.39 5.43 7.51
C ILE A 146 4.08 5.61 6.76
N HIS A 147 3.01 5.83 7.53
CA HIS A 147 1.72 6.15 6.96
C HIS A 147 1.80 7.43 6.16
N LYS A 148 2.39 8.49 6.69
CA LYS A 148 2.50 9.71 5.93
C LYS A 148 3.27 9.53 4.64
N PHE A 149 4.23 8.63 4.63
CA PHE A 149 4.96 8.39 3.40
C PHE A 149 4.10 7.69 2.36
N ALA A 150 3.35 6.68 2.79
CA ALA A 150 2.49 5.96 1.89
C ALA A 150 1.43 6.91 1.30
N LEU A 151 0.77 7.71 2.15
CA LEU A 151 -0.18 8.70 1.65
C LEU A 151 0.49 9.64 0.61
N MET A 152 1.62 10.26 0.93
CA MET A 152 2.28 11.14 -0.03
C MET A 152 2.62 10.37 -1.27
N ASN A 153 3.11 9.17 -1.07
CA ASN A 153 3.73 8.45 -2.16
C ASN A 153 2.73 7.84 -3.12
N ARG A 154 1.53 7.56 -2.64
CA ARG A 154 0.46 7.00 -3.46
C ARG A 154 -0.52 8.11 -3.88
N ARG A 155 -0.10 9.36 -3.70
CA ARG A 155 -0.92 10.54 -4.03
C ARG A 155 -2.34 10.35 -3.54
N PHE A 156 -2.47 9.87 -2.35
CA PHE A 156 -3.76 9.61 -1.82
C PHE A 156 -4.50 10.89 -1.50
N PRO A 157 -5.77 11.00 -1.91
CA PRO A 157 -6.38 12.30 -1.53
C PRO A 157 -6.78 12.45 0.00
N GLU A 158 -7.46 13.53 0.35
CA GLU A 158 -8.41 13.58 1.52
C GLU A 158 -7.91 13.98 2.96
N GLU A 159 -7.52 12.99 3.77
CA GLU A 159 -7.46 13.13 5.25
C GLU A 159 -8.70 13.81 5.86
N GLU B 8 -4.53 4.64 18.72
CA GLU B 8 -5.41 3.44 18.55
C GLU B 8 -5.89 3.25 17.11
N GLU B 9 -6.32 2.02 16.84
CA GLU B 9 -6.88 1.62 15.55
C GLU B 9 -7.89 2.65 14.97
N PHE B 10 -7.75 2.99 13.69
CA PHE B 10 -8.75 3.79 13.01
C PHE B 10 -9.00 3.21 11.64
N VAL B 11 -10.17 3.50 11.10
CA VAL B 11 -10.48 3.19 9.70
C VAL B 11 -11.22 4.34 9.04
N SER B 12 -10.79 4.77 7.88
CA SER B 12 -11.44 5.91 7.23
C SER B 12 -11.72 5.57 5.81
N VAL B 13 -12.87 6.01 5.33
CA VAL B 13 -13.30 5.69 3.98
C VAL B 13 -13.84 6.93 3.32
N TRP B 14 -13.52 7.14 2.07
CA TRP B 14 -14.17 8.21 1.32
C TRP B 14 -14.63 7.62 0.02
N VAL B 15 -15.73 8.16 -0.49
CA VAL B 15 -16.19 7.90 -1.82
C VAL B 15 -16.11 9.23 -2.55
N ARG B 16 -15.46 9.28 -3.69
CA ARG B 16 -15.14 10.53 -4.30
C ARG B 16 -14.91 10.35 -5.80
N ASP B 17 -14.65 11.46 -6.48
CA ASP B 17 -14.25 11.49 -7.88
C ASP B 17 -15.20 10.69 -8.74
N PRO B 18 -16.47 11.06 -8.71
CA PRO B 18 -17.39 10.47 -9.67
C PRO B 18 -16.90 10.67 -11.12
N ARG B 19 -17.03 9.69 -11.96
CA ARG B 19 -16.62 9.81 -13.34
C ARG B 19 -17.56 8.99 -14.15
N ILE B 20 -17.88 9.51 -15.34
CA ILE B 20 -18.61 8.80 -16.40
C ILE B 20 -17.72 7.82 -17.15
N GLN B 21 -18.23 6.63 -17.37
CA GLN B 21 -17.48 5.58 -18.02
C GLN B 21 -18.24 5.31 -19.29
N LYS B 22 -17.52 5.38 -20.40
CA LYS B 22 -18.07 5.45 -21.75
C LYS B 22 -17.44 4.29 -22.46
N GLU B 23 -17.97 3.08 -22.28
CA GLU B 23 -17.53 1.95 -23.11
C GLU B 23 -18.07 2.24 -24.50
N ASP B 24 -17.23 2.03 -25.52
CA ASP B 24 -17.44 2.55 -26.90
C ASP B 24 -18.89 3.01 -27.27
N PHE B 25 -19.88 2.24 -26.82
CA PHE B 25 -21.15 2.03 -27.53
C PHE B 25 -22.23 3.11 -27.16
N TRP B 26 -23.49 2.72 -26.95
CA TRP B 26 -24.48 3.60 -26.29
C TRP B 26 -24.47 3.28 -24.79
N HIS B 27 -23.28 2.92 -24.29
CA HIS B 27 -23.11 2.35 -22.95
C HIS B 27 -22.46 3.38 -22.02
N SER B 28 -23.18 3.83 -21.02
CA SER B 28 -22.58 4.76 -20.08
C SER B 28 -23.03 4.60 -18.67
N TYR B 29 -22.09 4.77 -17.76
CA TYR B 29 -22.39 4.73 -16.34
C TYR B 29 -21.45 5.63 -15.58
N ILE B 30 -21.73 5.73 -14.30
CA ILE B 30 -20.86 6.43 -13.41
C ILE B 30 -20.35 5.46 -12.40
N ASP B 31 -19.06 5.59 -12.16
CA ASP B 31 -18.47 4.92 -11.04
C ASP B 31 -17.73 5.94 -10.15
N TYR B 32 -17.31 5.44 -9.00
CA TYR B 32 -16.76 6.29 -7.98
C TYR B 32 -15.53 5.68 -7.46
N GLU B 33 -14.70 6.51 -6.87
CA GLU B 33 -13.49 6.01 -6.24
C GLU B 33 -13.73 5.81 -4.76
N ILE B 34 -13.27 4.69 -4.23
CA ILE B 34 -13.42 4.34 -2.86
C ILE B 34 -12.07 4.15 -2.29
N CYS B 35 -11.80 4.95 -1.27
CA CYS B 35 -10.47 5.05 -0.72
C CYS B 35 -10.55 4.70 0.71
N ILE B 36 -9.72 3.78 1.11
CA ILE B 36 -9.63 3.37 2.49
C ILE B 36 -8.30 3.83 3.04
N HIS B 37 -8.29 4.31 4.28
CA HIS B 37 -7.03 4.49 5.01
C HIS B 37 -7.20 3.98 6.39
N THR B 38 -6.38 3.03 6.78
CA THR B 38 -6.56 2.46 8.11
C THR B 38 -5.21 2.08 8.64
N ASN B 39 -5.14 1.94 9.95
CA ASN B 39 -4.04 1.23 10.53
C ASN B 39 -4.47 -0.09 11.22
N SER B 40 -5.59 -0.65 10.84
CA SER B 40 -6.13 -1.79 11.54
C SER B 40 -5.60 -3.09 11.00
N MET B 41 -5.54 -4.10 11.85
CA MET B 41 -5.12 -5.45 11.45
C MET B 41 -6.23 -6.15 10.67
N CYS B 42 -7.44 -5.59 10.71
CA CYS B 42 -8.58 -6.15 9.99
C CYS B 42 -8.40 -6.14 8.48
N PHE B 43 -7.80 -5.07 7.96
CA PHE B 43 -7.54 -4.94 6.55
C PHE B 43 -6.21 -5.47 6.16
N THR B 44 -6.11 -5.98 4.94
CA THR B 44 -4.87 -6.44 4.39
C THR B 44 -3.95 -5.26 4.07
N MET B 45 -4.44 -4.33 3.27
CA MET B 45 -3.69 -3.18 2.87
C MET B 45 -4.10 -2.00 3.72
N LYS B 46 -3.18 -1.11 4.03
CA LYS B 46 -3.48 0.02 4.90
C LYS B 46 -4.01 1.18 4.10
N THR B 47 -3.76 1.16 2.80
CA THR B 47 -4.46 2.07 1.94
C THR B 47 -4.95 1.35 0.75
N SER B 48 -6.02 1.87 0.15
CA SER B 48 -6.57 1.32 -1.10
C SER B 48 -7.44 2.35 -1.77
N CYS B 49 -7.32 2.42 -3.10
CA CYS B 49 -8.29 3.13 -3.91
C CYS B 49 -8.72 2.21 -5.04
N VAL B 50 -10.02 2.06 -5.18
CA VAL B 50 -10.62 1.16 -6.14
C VAL B 50 -11.85 1.87 -6.75
N ARG B 51 -12.27 1.52 -7.94
CA ARG B 51 -13.46 2.21 -8.48
C ARG B 51 -14.62 1.24 -8.57
N ARG B 52 -15.80 1.65 -8.12
CA ARG B 52 -17.00 0.80 -8.15
C ARG B 52 -18.21 1.61 -8.54
N ARG B 53 -19.23 0.92 -9.04
CA ARG B 53 -20.49 1.54 -9.39
C ARG B 53 -21.67 1.07 -8.54
N TYR B 54 -22.69 1.92 -8.57
CA TYR B 54 -23.83 1.76 -7.69
C TYR B 54 -24.36 0.33 -7.72
N ARG B 55 -24.48 -0.23 -8.90
CA ARG B 55 -25.00 -1.60 -9.01
C ARG B 55 -24.13 -2.60 -8.23
N GLU B 56 -22.82 -2.36 -8.13
CA GLU B 56 -21.91 -3.24 -7.41
C GLU B 56 -22.12 -3.12 -5.94
N PHE B 57 -22.41 -1.90 -5.47
CA PHE B 57 -22.89 -1.72 -4.08
C PHE B 57 -24.17 -2.49 -3.76
N VAL B 58 -25.07 -2.52 -4.71
CA VAL B 58 -26.30 -3.25 -4.55
C VAL B 58 -26.02 -4.73 -4.31
N TRP B 59 -25.18 -5.27 -5.18
CA TRP B 59 -24.66 -6.62 -5.05
C TRP B 59 -24.03 -6.81 -3.65
N LEU B 60 -23.29 -5.81 -3.22
CA LEU B 60 -22.50 -5.98 -2.04
C LEU B 60 -23.41 -6.10 -0.89
N ARG B 61 -24.40 -5.24 -0.88
CA ARG B 61 -25.32 -5.23 0.25
C ARG B 61 -26.10 -6.51 0.35
N GLN B 62 -26.47 -7.10 -0.77
CA GLN B 62 -27.27 -8.30 -0.66
C GLN B 62 -26.35 -9.43 -0.27
N ARG B 63 -25.11 -9.39 -0.73
CA ARG B 63 -24.18 -10.45 -0.42
C ARG B 63 -23.92 -10.41 1.07
N LEU B 64 -23.65 -9.23 1.61
CA LEU B 64 -23.40 -9.12 3.02
C LEU B 64 -24.59 -9.58 3.82
N GLN B 65 -25.79 -9.25 3.34
CA GLN B 65 -26.98 -9.52 4.11
C GLN B 65 -27.09 -11.00 4.20
N SER B 66 -26.80 -11.68 3.11
CA SER B 66 -26.99 -13.08 3.17
C SER B 66 -25.89 -13.85 3.96
N ASN B 67 -24.79 -13.25 4.37
CA ASN B 67 -23.80 -14.00 5.21
C ASN B 67 -23.93 -13.60 6.65
N ALA B 68 -24.73 -12.55 6.89
CA ALA B 68 -24.98 -12.06 8.22
C ALA B 68 -26.49 -11.85 8.42
N LEU B 69 -27.21 -12.95 8.47
CA LEU B 69 -28.62 -12.82 8.39
C LEU B 69 -29.21 -12.20 9.64
N LEU B 70 -28.48 -12.06 10.74
CA LEU B 70 -29.00 -11.29 11.88
C LEU B 70 -28.58 -9.83 11.99
N VAL B 71 -27.89 -9.27 11.01
CA VAL B 71 -27.53 -7.86 11.06
C VAL B 71 -28.43 -7.04 10.15
N GLN B 72 -28.90 -5.86 10.63
CA GLN B 72 -29.57 -4.84 9.77
C GLN B 72 -28.52 -4.02 9.08
N LEU B 73 -28.44 -4.19 7.78
CA LEU B 73 -27.52 -3.41 6.99
C LEU B 73 -27.97 -1.99 6.80
N PRO B 74 -27.07 -1.05 6.98
CA PRO B 74 -27.52 0.27 6.59
C PRO B 74 -28.08 0.34 5.15
N GLU B 75 -29.03 1.22 4.87
CA GLU B 75 -29.59 1.38 3.54
C GLU B 75 -28.65 2.07 2.59
N LEU B 76 -28.93 1.87 1.30
CA LEU B 76 -28.25 2.55 0.22
C LEU B 76 -29.08 3.72 -0.21
N PRO B 77 -28.45 4.72 -0.80
CA PRO B 77 -29.27 5.78 -1.35
C PRO B 77 -30.27 5.20 -2.38
N SER B 78 -31.51 5.74 -2.44
CA SER B 78 -32.69 5.11 -3.09
C SER B 78 -33.27 5.67 -4.39
N LYS B 79 -32.69 6.74 -4.90
CA LYS B 79 -33.20 7.44 -6.07
C LYS B 79 -32.48 6.93 -7.35
N ASN B 80 -32.86 5.75 -7.86
CA ASN B 80 -32.10 5.05 -8.96
C ASN B 80 -32.67 5.16 -10.38
N LEU B 81 -33.99 5.15 -10.46
CA LEU B 81 -34.68 5.17 -11.73
C LEU B 81 -34.66 6.60 -12.21
N PHE B 82 -35.16 7.44 -11.30
CA PHE B 82 -35.07 8.89 -11.32
C PHE B 82 -33.68 9.34 -11.83
N PHE B 83 -32.60 8.77 -11.26
CA PHE B 83 -31.19 9.26 -11.29
C PHE B 83 -30.68 9.65 -12.65
N ASN B 84 -30.01 10.79 -12.71
CA ASN B 84 -29.54 11.38 -13.93
C ASN B 84 -28.10 11.76 -13.69
N MET B 85 -27.21 11.08 -14.38
CA MET B 85 -25.83 11.27 -14.20
C MET B 85 -25.32 12.58 -14.74
N ASN B 86 -26.18 13.46 -15.24
CA ASN B 86 -25.74 14.79 -15.67
C ASN B 86 -26.18 15.90 -14.73
N ASN B 87 -26.75 15.47 -13.61
CA ASN B 87 -27.21 16.35 -12.62
C ASN B 87 -26.21 16.27 -11.48
N ARG B 88 -25.33 17.25 -11.41
CA ARG B 88 -24.24 17.32 -10.44
C ARG B 88 -24.72 16.95 -9.07
N GLN B 89 -25.91 17.42 -8.73
CA GLN B 89 -26.47 17.19 -7.42
C GLN B 89 -26.98 15.76 -7.18
N HIS B 90 -27.48 15.13 -8.23
CA HIS B 90 -27.82 13.71 -8.13
C HIS B 90 -26.61 12.89 -7.83
N VAL B 91 -25.52 13.15 -8.55
CA VAL B 91 -24.39 12.28 -8.45
C VAL B 91 -23.72 12.51 -7.11
N ASP B 92 -23.80 13.74 -6.61
CA ASP B 92 -23.22 14.02 -5.36
C ASP B 92 -24.01 13.44 -4.22
N GLN B 93 -25.33 13.57 -4.30
CA GLN B 93 -26.21 13.01 -3.27
C GLN B 93 -25.97 11.49 -3.19
N ARG B 94 -25.79 10.82 -4.33
CA ARG B 94 -25.38 9.43 -4.34
C ARG B 94 -24.10 9.12 -3.61
N ARG B 95 -23.05 9.88 -3.96
CA ARG B 95 -21.76 9.50 -3.47
C ARG B 95 -21.79 9.68 -1.97
N GLN B 96 -22.45 10.72 -1.49
CA GLN B 96 -22.59 10.89 -0.09
C GLN B 96 -23.21 9.64 0.51
N GLY B 97 -24.30 9.20 -0.03
CA GLY B 97 -25.01 8.02 0.50
C GLY B 97 -24.18 6.75 0.51
N LEU B 98 -23.42 6.55 -0.53
CA LEU B 98 -22.51 5.45 -0.59
C LEU B 98 -21.37 5.55 0.47
N GLU B 99 -20.93 6.76 0.79
CA GLU B 99 -19.97 6.96 1.88
C GLU B 99 -20.61 6.57 3.19
N ASP B 100 -21.80 7.10 3.43
CA ASP B 100 -22.50 6.84 4.69
C ASP B 100 -22.76 5.35 4.85
N PHE B 101 -23.10 4.68 3.76
CA PHE B 101 -23.27 3.24 3.76
C PHE B 101 -21.98 2.55 4.20
N LEU B 102 -20.87 2.88 3.60
CA LEU B 102 -19.66 2.15 3.95
C LEU B 102 -19.18 2.47 5.35
N ARG B 103 -19.27 3.74 5.71
CA ARG B 103 -18.90 4.14 7.05
C ARG B 103 -19.64 3.34 8.11
N LYS B 104 -20.94 3.19 7.96
CA LYS B 104 -21.72 2.39 8.88
C LYS B 104 -21.29 0.92 8.79
N VAL B 105 -21.15 0.42 7.57
CA VAL B 105 -20.81 -0.97 7.40
C VAL B 105 -19.54 -1.26 8.15
N LEU B 106 -18.55 -0.37 8.04
CA LEU B 106 -17.23 -0.68 8.58
C LEU B 106 -17.19 -0.62 10.09
N GLN B 107 -18.12 0.09 10.71
CA GLN B 107 -18.22 0.11 12.14
C GLN B 107 -18.65 -1.24 12.72
N ASN B 108 -18.90 -2.25 11.90
CA ASN B 108 -19.50 -3.49 12.38
C ASN B 108 -18.60 -4.70 12.16
N ALA B 109 -18.13 -5.27 13.26
CA ALA B 109 -17.12 -6.31 13.17
C ALA B 109 -17.58 -7.62 12.50
N LEU B 110 -18.86 -7.95 12.58
CA LEU B 110 -19.31 -9.13 11.88
C LEU B 110 -19.14 -8.89 10.37
N LEU B 111 -19.55 -7.74 9.88
CA LEU B 111 -19.38 -7.45 8.46
C LEU B 111 -17.94 -7.38 8.07
N LEU B 112 -17.11 -6.77 8.91
CA LEU B 112 -15.66 -6.66 8.65
C LEU B 112 -14.94 -7.99 8.43
N SER B 113 -15.53 -9.09 8.84
CA SER B 113 -14.91 -10.39 8.60
C SER B 113 -15.49 -11.15 7.38
N ASP B 114 -16.16 -10.44 6.47
CA ASP B 114 -16.66 -11.02 5.23
C ASP B 114 -15.65 -10.71 4.14
N SER B 115 -15.06 -11.74 3.57
CA SER B 115 -14.07 -11.52 2.47
C SER B 115 -14.65 -10.80 1.26
N SER B 116 -15.95 -10.88 1.09
CA SER B 116 -16.58 -10.20 -0.02
C SER B 116 -16.31 -8.72 0.11
N LEU B 117 -16.47 -8.18 1.34
CA LEU B 117 -16.31 -6.77 1.56
C LEU B 117 -14.90 -6.37 1.25
N HIS B 118 -13.96 -7.21 1.63
CA HIS B 118 -12.55 -6.89 1.48
C HIS B 118 -12.17 -6.85 0.06
N LEU B 119 -12.55 -7.86 -0.69
CA LEU B 119 -12.34 -7.86 -2.13
C LEU B 119 -13.07 -6.74 -2.85
N PHE B 120 -14.21 -6.34 -2.33
CA PHE B 120 -14.95 -5.26 -2.95
C PHE B 120 -14.18 -3.98 -2.76
N LEU B 121 -13.50 -3.84 -1.63
CA LEU B 121 -12.82 -2.61 -1.31
C LEU B 121 -11.36 -2.58 -1.71
N GLN B 122 -10.72 -3.74 -1.79
CA GLN B 122 -9.31 -3.81 -1.99
C GLN B 122 -8.90 -4.69 -3.14
N SER B 123 -9.76 -4.83 -4.15
CA SER B 123 -9.42 -5.54 -5.39
C SER B 123 -10.22 -5.08 -6.57
N HIS B 124 -9.69 -5.43 -7.72
CA HIS B 124 -10.31 -5.18 -9.04
C HIS B 124 -11.46 -6.17 -9.36
N LEU B 125 -11.47 -7.34 -8.73
CA LEU B 125 -12.39 -8.39 -9.08
C LEU B 125 -13.79 -7.92 -9.18
N ASN B 126 -14.55 -8.42 -10.14
CA ASN B 126 -15.98 -8.13 -10.05
C ASN B 126 -16.75 -9.22 -9.36
N SER B 127 -18.06 -9.02 -9.27
CA SER B 127 -18.84 -9.76 -8.29
C SER B 127 -18.82 -11.21 -8.58
N GLU B 128 -18.94 -11.56 -9.86
CA GLU B 128 -18.89 -12.95 -10.32
C GLU B 128 -17.59 -13.54 -9.72
N ASP B 129 -16.45 -12.88 -9.91
CA ASP B 129 -15.21 -13.48 -9.46
C ASP B 129 -15.10 -13.46 -7.94
N ILE B 130 -15.60 -12.42 -7.31
CA ILE B 130 -15.55 -12.39 -5.85
C ILE B 130 -16.20 -13.61 -5.29
N GLU B 131 -17.42 -13.85 -5.77
CA GLU B 131 -18.19 -15.06 -5.41
C GLU B 131 -17.39 -16.33 -5.70
N ALA B 132 -16.78 -16.40 -6.88
CA ALA B 132 -15.98 -17.55 -7.18
C ALA B 132 -14.92 -17.71 -6.11
N CYS B 133 -14.31 -16.59 -5.73
CA CYS B 133 -13.08 -16.62 -4.97
C CYS B 133 -13.36 -16.98 -3.55
N VAL B 134 -14.36 -16.38 -2.96
CA VAL B 134 -14.68 -16.73 -1.55
C VAL B 134 -15.32 -18.11 -1.43
N SER B 135 -15.77 -18.69 -2.54
CA SER B 135 -16.33 -20.04 -2.59
C SER B 135 -15.25 -21.09 -2.81
N GLY B 136 -14.00 -20.70 -2.99
CA GLY B 136 -12.94 -21.66 -3.20
C GLY B 136 -12.81 -22.15 -4.63
N GLN B 137 -13.41 -21.49 -5.58
CA GLN B 137 -13.42 -22.01 -6.92
C GLN B 137 -12.41 -21.38 -7.88
N THR B 138 -11.54 -20.51 -7.38
CA THR B 138 -10.58 -19.82 -8.22
C THR B 138 -9.26 -20.38 -7.82
N LYS B 139 -8.31 -20.28 -8.70
CA LYS B 139 -7.01 -20.74 -8.38
C LYS B 139 -6.40 -19.87 -7.28
N TYR B 140 -6.68 -18.56 -7.32
CA TYR B 140 -6.05 -17.58 -6.41
C TYR B 140 -6.82 -17.47 -5.13
N SER B 141 -6.16 -17.19 -4.01
CA SER B 141 -6.88 -16.85 -2.78
C SER B 141 -7.31 -15.41 -2.73
N VAL B 142 -8.03 -15.09 -1.68
CA VAL B 142 -8.45 -13.75 -1.38
C VAL B 142 -7.23 -12.85 -1.15
N GLU B 143 -6.27 -13.34 -0.38
CA GLU B 143 -5.09 -12.57 -0.08
C GLU B 143 -4.37 -12.38 -1.38
N GLU B 144 -4.30 -13.40 -2.18
CA GLU B 144 -3.60 -13.21 -3.42
C GLU B 144 -4.18 -12.11 -4.28
N ALA B 145 -5.50 -12.01 -4.29
CA ALA B 145 -6.14 -11.11 -5.22
C ALA B 145 -5.91 -9.72 -4.80
N ILE B 146 -5.92 -9.52 -3.49
CA ILE B 146 -5.73 -8.21 -2.92
C ILE B 146 -4.28 -7.70 -3.14
N HIS B 147 -3.30 -8.58 -2.87
CA HIS B 147 -1.92 -8.26 -3.10
C HIS B 147 -1.71 -7.99 -4.58
N LYS B 148 -2.22 -8.82 -5.46
CA LYS B 148 -2.00 -8.52 -6.90
C LYS B 148 -2.62 -7.22 -7.31
N PHE B 149 -3.70 -6.80 -6.68
CA PHE B 149 -4.31 -5.55 -7.05
C PHE B 149 -3.41 -4.41 -6.67
N ALA B 150 -2.88 -4.47 -5.45
CA ALA B 150 -2.01 -3.42 -4.99
C ALA B 150 -0.77 -3.35 -5.87
N LEU B 151 -0.13 -4.49 -6.17
CA LEU B 151 1.01 -4.46 -7.04
C LEU B 151 0.63 -3.82 -8.39
N MET B 152 -0.42 -4.29 -9.07
CA MET B 152 -0.79 -3.67 -10.36
C MET B 152 -1.10 -2.21 -10.21
N ASN B 153 -1.76 -1.89 -9.14
CA ASN B 153 -2.31 -0.58 -8.97
C ASN B 153 -1.27 0.44 -8.60
N ARG B 154 -0.22 0.03 -7.91
CA ARG B 154 0.89 0.90 -7.50
C ARG B 154 2.09 0.78 -8.50
N ARG B 155 1.79 0.21 -9.68
CA ARG B 155 2.76 0.08 -10.76
C ARG B 155 4.09 -0.55 -10.34
N PHE B 156 4.08 -1.28 -9.25
CA PHE B 156 5.19 -2.12 -8.82
C PHE B 156 5.70 -2.99 -10.01
N PRO B 157 7.04 -3.01 -10.26
CA PRO B 157 7.67 -4.02 -11.12
C PRO B 157 7.04 -5.44 -11.15
#